data_6R4Z
#
_entry.id   6R4Z
#
_cell.length_a   37.039
_cell.length_b   42.806
_cell.length_c   119.048
_cell.angle_alpha   90.00
_cell.angle_beta   92.41
_cell.angle_gamma   90.00
#
_symmetry.space_group_name_H-M   'P 1 21 1'
#
loop_
_entity.id
_entity.type
_entity.pdbx_description
1 polymer 'Pro-Pro endopeptidase'
2 polymer ACE-GLU-VAL-ASN-PRO
3 non-polymer 'ZINC ION'
4 non-polymer 'NICKEL (II) ION'
5 water water
#
loop_
_entity_poly.entity_id
_entity_poly.type
_entity_poly.pdbx_seq_one_letter_code
_entity_poly.pdbx_strand_id
1 'polypeptide(L)'
;GSHMDSTTIQQNKDTLSQIVVFPTGNYDKNEANAMVNRLANIDGKYLNALKQNNLKIKLLSGKLTDEKEYAYLKGVVPKG
WEGTGKTWDDVPGLGGSTVALRIGFSNKGKGHDAINLELHATAHAIDHIVLNDISKSAQFKQIFAKEGRSLGNVNFLGVY
PEEFFAESFAYYYLNQDTNSKLKSACPQTYSFLQNLAK
;
A,B
2 'polypeptide(L)' (ACE)EVNP D,E
#
# COMPACT_ATOMS: atom_id res chain seq x y z
N GLY A 1 16.72 5.11 -18.76
CA GLY A 1 16.96 4.16 -19.84
C GLY A 1 17.06 4.84 -21.18
N SER A 2 17.09 6.17 -21.16
CA SER A 2 17.22 6.97 -22.37
C SER A 2 17.25 8.43 -21.95
N HIS A 3 16.99 8.67 -20.66
CA HIS A 3 16.93 10.03 -20.14
C HIS A 3 18.25 10.47 -19.52
N MET A 4 19.18 9.54 -19.28
CA MET A 4 20.45 9.84 -18.63
C MET A 4 21.56 9.13 -19.41
N ASP A 5 22.54 9.89 -19.87
CA ASP A 5 23.60 9.32 -20.70
C ASP A 5 24.65 8.60 -19.85
N SER A 6 25.52 7.86 -20.54
CA SER A 6 26.51 7.04 -19.85
C SER A 6 27.42 7.88 -18.98
N THR A 7 27.78 9.08 -19.45
CA THR A 7 28.67 9.95 -18.69
C THR A 7 28.03 10.39 -17.38
N THR A 8 26.74 10.70 -17.43
CA THR A 8 26.05 11.16 -16.24
C THR A 8 25.86 10.01 -15.26
N ILE A 9 25.53 8.82 -15.76
CA ILE A 9 25.43 7.65 -14.90
C ILE A 9 26.75 7.40 -14.19
N GLN A 10 27.86 7.46 -14.93
CA GLN A 10 29.16 7.25 -14.31
C GLN A 10 29.47 8.31 -13.27
N GLN A 11 29.18 9.58 -13.58
CA GLN A 11 29.40 10.64 -12.61
C GLN A 11 28.61 10.36 -11.33
N ASN A 12 27.36 9.92 -11.49
CA ASN A 12 26.53 9.65 -10.31
C ASN A 12 27.07 8.48 -9.51
N LYS A 13 27.57 7.45 -10.20
CA LYS A 13 28.24 6.36 -9.48
C LYS A 13 29.48 6.86 -8.75
N ASP A 14 30.26 7.75 -9.40
CA ASP A 14 31.42 8.30 -8.73
C ASP A 14 31.01 9.07 -7.47
N THR A 15 29.95 9.88 -7.55
CA THR A 15 29.50 10.59 -6.37
C THR A 15 29.08 9.60 -5.28
N LEU A 16 28.33 8.58 -5.68
CA LEU A 16 27.89 7.56 -4.73
C LEU A 16 29.05 6.81 -4.10
N SER A 17 30.21 6.76 -4.76
CA SER A 17 31.36 6.12 -4.14
C SER A 17 31.83 6.85 -2.88
N GLN A 18 31.44 8.10 -2.73
CA GLN A 18 31.74 8.92 -1.56
C GLN A 18 30.55 9.05 -0.63
N ILE A 19 29.52 8.24 -0.84
CA ILE A 19 28.31 8.23 -0.04
C ILE A 19 27.99 6.84 0.51
N VAL A 20 27.97 5.83 -0.37
CA VAL A 20 27.59 4.49 0.03
C VAL A 20 28.72 3.82 0.80
N VAL A 21 28.36 3.17 1.89
CA VAL A 21 29.29 2.44 2.75
C VAL A 21 28.84 0.98 2.79
N PHE A 22 29.71 0.09 2.42
CA PHE A 22 29.41 -1.33 2.43
C PHE A 22 29.74 -1.88 3.80
N PRO A 23 29.10 -2.94 4.22
CA PRO A 23 29.31 -3.40 5.59
C PRO A 23 30.55 -4.28 5.73
N THR A 24 30.99 -4.39 6.96
CA THR A 24 32.10 -5.27 7.31
C THR A 24 31.59 -6.70 7.32
N GLY A 25 32.43 -7.63 6.89
CA GLY A 25 32.06 -9.02 6.89
C GLY A 25 31.40 -9.46 5.60
N ASN A 26 30.72 -10.60 5.68
CA ASN A 26 30.07 -11.16 4.51
C ASN A 26 28.77 -10.43 4.18
N TYR A 27 28.56 -10.23 2.89
CA TYR A 27 27.30 -9.66 2.40
C TYR A 27 27.21 -9.97 0.90
N ASP A 28 26.02 -9.75 0.37
CA ASP A 28 25.71 -10.01 -1.05
C ASP A 28 26.24 -8.83 -1.87
N LYS A 29 27.44 -8.99 -2.43
CA LYS A 29 28.09 -7.91 -3.14
C LYS A 29 27.34 -7.54 -4.41
N ASN A 30 26.79 -8.54 -5.12
CA ASN A 30 26.07 -8.25 -6.35
C ASN A 30 24.80 -7.45 -6.07
N GLU A 31 24.07 -7.81 -5.02
CA GLU A 31 22.86 -7.06 -4.71
C GLU A 31 23.20 -5.67 -4.18
N ALA A 32 24.27 -5.54 -3.39
CA ALA A 32 24.68 -4.20 -2.97
C ALA A 32 25.02 -3.33 -4.18
N ASN A 33 25.70 -3.90 -5.17
CA ASN A 33 25.99 -3.16 -6.40
C ASN A 33 24.72 -2.78 -7.14
N ALA A 34 23.73 -3.66 -7.17
CA ALA A 34 22.45 -3.35 -7.81
C ALA A 34 21.74 -2.19 -7.12
N MET A 35 21.84 -2.11 -5.80
CA MET A 35 21.27 -1.00 -5.05
C MET A 35 21.96 0.31 -5.42
N VAL A 36 23.30 0.29 -5.52
CA VAL A 36 24.03 1.48 -5.96
C VAL A 36 23.58 1.90 -7.35
N ASN A 37 23.41 0.95 -8.27
CA ASN A 37 23.01 1.29 -9.62
C ASN A 37 21.62 1.93 -9.64
N ARG A 38 20.71 1.47 -8.79
CA ARG A 38 19.40 2.11 -8.68
C ARG A 38 19.51 3.53 -8.12
N LEU A 39 20.34 3.71 -7.10
CA LEU A 39 20.57 5.03 -6.54
C LEU A 39 21.16 6.00 -7.55
N ALA A 40 21.93 5.50 -8.51
CA ALA A 40 22.59 6.36 -9.49
C ALA A 40 21.59 6.99 -10.45
N ASN A 41 20.35 6.54 -10.45
N ASN A 41 20.33 6.54 -10.45
CA ASN A 41 19.31 7.21 -11.23
CA ASN A 41 19.30 7.21 -11.23
C ASN A 41 18.76 8.47 -10.56
C ASN A 41 18.81 8.50 -10.59
N ILE A 42 19.09 8.70 -9.29
CA ILE A 42 18.71 9.96 -8.66
C ILE A 42 19.46 11.10 -9.33
N ASP A 43 18.77 12.24 -9.51
CA ASP A 43 19.42 13.41 -10.09
C ASP A 43 20.73 13.73 -9.37
N GLY A 44 21.78 13.93 -10.17
CA GLY A 44 23.10 14.16 -9.61
C GLY A 44 23.19 15.36 -8.69
N LYS A 45 22.33 16.37 -8.88
CA LYS A 45 22.41 17.51 -8.00
C LYS A 45 22.12 17.11 -6.56
N TYR A 46 21.18 16.19 -6.36
CA TYR A 46 20.90 15.72 -5.01
C TYR A 46 22.05 14.89 -4.45
N LEU A 47 22.63 14.02 -5.29
CA LEU A 47 23.76 13.21 -4.86
C LEU A 47 24.93 14.09 -4.46
N ASN A 48 25.21 15.12 -5.26
CA ASN A 48 26.31 16.01 -4.91
C ASN A 48 26.06 16.69 -3.59
N ALA A 49 24.81 17.12 -3.32
CA ALA A 49 24.51 17.75 -2.06
C ALA A 49 24.65 16.79 -0.89
N LEU A 50 24.22 15.53 -1.05
CA LEU A 50 24.41 14.54 0.00
C LEU A 50 25.89 14.35 0.33
N LYS A 51 26.71 14.23 -0.72
CA LYS A 51 28.15 14.06 -0.51
C LYS A 51 28.75 15.24 0.25
N GLN A 52 28.38 16.47 -0.14
CA GLN A 52 28.96 17.63 0.53
C GLN A 52 28.56 17.68 2.01
N ASN A 53 27.37 17.17 2.33
CA ASN A 53 26.90 17.10 3.69
C ASN A 53 27.43 15.88 4.45
N ASN A 54 28.28 15.08 3.83
N ASN A 54 28.26 15.08 3.80
CA ASN A 54 28.86 13.89 4.48
CA ASN A 54 28.85 13.90 4.44
C ASN A 54 27.78 12.88 4.88
C ASN A 54 27.79 12.88 4.87
N LEU A 55 26.66 12.85 4.17
CA LEU A 55 25.63 11.85 4.42
C LEU A 55 26.11 10.52 3.84
N LYS A 56 26.04 9.46 4.64
CA LYS A 56 26.40 8.12 4.22
C LYS A 56 25.15 7.27 4.03
N ILE A 57 25.18 6.44 3.01
CA ILE A 57 24.14 5.45 2.77
C ILE A 57 24.73 4.11 3.20
N LYS A 58 24.34 3.64 4.38
CA LYS A 58 24.93 2.45 4.97
C LYS A 58 24.14 1.23 4.54
N LEU A 59 24.81 0.34 3.81
CA LEU A 59 24.23 -0.94 3.42
C LEU A 59 24.61 -1.97 4.46
N LEU A 60 23.64 -2.76 4.91
CA LEU A 60 23.77 -3.62 6.05
C LEU A 60 23.41 -5.06 5.70
N SER A 61 24.08 -5.98 6.36
CA SER A 61 23.82 -7.38 6.22
C SER A 61 23.01 -7.96 7.36
N GLY A 62 22.55 -7.17 8.28
CA GLY A 62 21.71 -7.66 9.34
C GLY A 62 20.70 -6.61 9.71
N LYS A 63 20.08 -6.80 10.87
CA LYS A 63 19.05 -5.89 11.31
C LYS A 63 19.65 -4.51 11.61
N LEU A 64 18.87 -3.48 11.34
CA LEU A 64 19.34 -2.12 11.60
C LEU A 64 19.74 -1.94 13.06
N THR A 65 18.92 -2.46 13.98
CA THR A 65 19.14 -2.24 15.40
C THR A 65 20.29 -3.07 15.95
N ASP A 66 20.88 -3.95 15.16
CA ASP A 66 22.11 -4.62 15.55
C ASP A 66 23.35 -3.76 15.33
N GLU A 67 23.20 -2.62 14.65
CA GLU A 67 24.29 -1.66 14.53
C GLU A 67 24.32 -0.78 15.78
N LYS A 68 25.53 -0.46 16.25
CA LYS A 68 25.68 0.29 17.49
C LYS A 68 24.88 1.58 17.47
N GLU A 69 24.89 2.30 16.34
CA GLU A 69 24.26 3.61 16.32
C GLU A 69 22.73 3.55 16.24
N TYR A 70 22.14 2.37 16.02
CA TYR A 70 20.69 2.23 16.01
C TYR A 70 20.19 1.33 17.13
N ALA A 71 21.06 0.89 18.04
CA ALA A 71 20.62 0.08 19.16
C ALA A 71 19.56 0.78 19.99
N TYR A 72 19.64 2.12 20.05
CA TYR A 72 18.70 2.90 20.83
C TYR A 72 17.25 2.75 20.36
N LEU A 73 17.05 2.28 19.13
CA LEU A 73 15.72 2.09 18.57
C LEU A 73 15.11 0.72 18.88
N LYS A 74 15.84 -0.16 19.56
CA LYS A 74 15.26 -1.44 19.93
C LYS A 74 13.99 -1.25 20.72
N GLY A 75 12.92 -1.92 20.31
CA GLY A 75 11.66 -1.81 21.02
C GLY A 75 10.86 -0.56 20.72
N VAL A 76 11.39 0.40 19.94
CA VAL A 76 10.67 1.63 19.61
C VAL A 76 9.74 1.37 18.44
N VAL A 77 8.52 1.87 18.53
CA VAL A 77 7.53 1.68 17.47
C VAL A 77 7.71 2.81 16.47
N PRO A 78 8.06 2.53 15.21
CA PRO A 78 8.21 3.59 14.24
C PRO A 78 6.88 4.28 14.02
N LYS A 79 6.98 5.55 13.65
CA LYS A 79 5.83 6.27 13.12
C LYS A 79 5.22 5.49 11.96
N GLY A 80 3.90 5.28 12.02
CA GLY A 80 3.19 4.55 10.99
C GLY A 80 3.18 3.04 11.14
N TRP A 81 3.86 2.50 12.15
CA TRP A 81 3.91 1.08 12.41
C TRP A 81 3.13 0.73 13.67
N GLU A 82 2.37 1.67 14.19
CA GLU A 82 1.53 1.40 15.33
C GLU A 82 0.54 0.28 15.04
N GLY A 83 0.30 -0.54 16.04
CA GLY A 83 -0.67 -1.61 15.93
C GLY A 83 -0.17 -2.84 15.21
N THR A 84 1.02 -2.76 14.61
CA THR A 84 1.58 -3.90 13.91
C THR A 84 2.22 -4.89 14.88
N GLY A 85 2.38 -4.49 16.14
CA GLY A 85 3.14 -5.28 17.08
C GLY A 85 4.62 -5.32 16.78
N LYS A 86 5.08 -4.60 15.76
CA LYS A 86 6.47 -4.59 15.33
C LYS A 86 7.13 -3.27 15.74
N THR A 87 8.46 -3.31 15.73
CA THR A 87 9.27 -2.19 16.19
C THR A 87 10.40 -1.98 15.19
N TRP A 88 11.30 -1.04 15.48
CA TRP A 88 12.41 -0.79 14.59
C TRP A 88 13.25 -2.04 14.35
N ASP A 89 13.24 -2.98 15.28
CA ASP A 89 13.95 -4.25 15.09
C ASP A 89 13.52 -4.94 13.82
N ASP A 90 12.29 -4.69 13.36
CA ASP A 90 11.72 -5.38 12.21
C ASP A 90 11.77 -4.59 10.92
N VAL A 91 12.27 -3.36 10.94
CA VAL A 91 12.18 -2.46 9.80
C VAL A 91 13.44 -2.55 8.96
N PRO A 92 13.35 -2.70 7.63
CA PRO A 92 14.57 -2.90 6.83
C PRO A 92 15.24 -1.64 6.30
N GLY A 93 14.58 -0.48 6.35
CA GLY A 93 15.14 0.76 5.81
C GLY A 93 14.78 1.94 6.66
N LEU A 94 15.77 2.82 6.88
CA LEU A 94 15.65 4.03 7.67
C LEU A 94 16.26 5.18 6.88
N GLY A 95 15.61 6.33 6.88
CA GLY A 95 16.17 7.53 6.29
C GLY A 95 15.77 8.77 7.05
N GLY A 96 16.60 9.82 6.95
CA GLY A 96 16.37 11.06 7.65
C GLY A 96 17.70 11.78 7.77
N SER A 97 18.22 11.88 9.00
N SER A 97 18.23 11.88 8.98
CA SER A 97 19.55 12.45 9.21
CA SER A 97 19.55 12.46 9.16
C SER A 97 20.65 11.48 8.80
C SER A 97 20.68 11.46 8.90
N THR A 98 20.33 10.18 8.74
CA THR A 98 21.23 9.12 8.31
C THR A 98 20.40 8.25 7.36
N VAL A 99 21.05 7.28 6.72
CA VAL A 99 20.37 6.30 5.87
C VAL A 99 20.99 4.94 6.16
N ALA A 100 20.14 3.94 6.43
CA ALA A 100 20.58 2.58 6.73
C ALA A 100 19.61 1.61 6.09
N LEU A 101 20.17 0.60 5.42
CA LEU A 101 19.38 -0.22 4.50
C LEU A 101 19.84 -1.68 4.54
N ARG A 102 18.91 -2.62 4.67
CA ARG A 102 19.26 -4.04 4.59
C ARG A 102 19.35 -4.52 3.16
N ILE A 103 20.53 -5.03 2.82
CA ILE A 103 20.75 -5.60 1.50
C ILE A 103 19.81 -6.78 1.32
N GLY A 104 19.16 -6.83 0.15
CA GLY A 104 18.22 -7.87 -0.20
C GLY A 104 16.77 -7.47 -0.01
N PHE A 105 16.51 -6.39 0.70
CA PHE A 105 15.16 -5.97 1.06
C PHE A 105 14.67 -4.82 0.18
N SER A 106 15.29 -4.60 -0.99
CA SER A 106 14.91 -3.47 -1.84
C SER A 106 13.45 -3.52 -2.26
N ASN A 107 12.97 -4.68 -2.68
CA ASN A 107 11.70 -4.72 -3.37
C ASN A 107 10.54 -4.56 -2.42
N LYS A 108 9.49 -4.00 -2.97
CA LYS A 108 8.24 -3.85 -2.26
C LYS A 108 7.79 -5.20 -1.72
N GLY A 109 7.36 -5.20 -0.46
CA GLY A 109 6.90 -6.37 0.22
C GLY A 109 7.92 -7.08 1.10
N LYS A 110 9.20 -6.69 1.01
CA LYS A 110 10.27 -7.33 1.81
C LYS A 110 10.34 -6.68 3.18
N GLY A 111 9.27 -6.85 3.95
CA GLY A 111 9.22 -6.25 5.27
C GLY A 111 8.85 -4.78 5.27
N HIS A 112 8.48 -4.25 4.12
CA HIS A 112 8.13 -2.83 4.00
C HIS A 112 7.30 -2.69 2.73
N ASP A 113 6.70 -1.50 2.57
CA ASP A 113 5.75 -1.25 1.50
C ASP A 113 6.23 -0.27 0.44
N ALA A 114 7.48 0.18 0.51
CA ALA A 114 7.95 1.13 -0.49
C ALA A 114 8.22 0.44 -1.83
N ILE A 115 8.08 1.22 -2.90
CA ILE A 115 8.35 0.73 -4.24
C ILE A 115 9.80 0.31 -4.37
N ASN A 116 10.68 0.96 -3.61
CA ASN A 116 12.09 0.62 -3.56
C ASN A 116 12.64 1.14 -2.24
N LEU A 117 13.26 0.26 -1.48
CA LEU A 117 13.74 0.58 -0.14
C LEU A 117 14.73 1.74 -0.16
N GLU A 118 15.78 1.62 -0.96
CA GLU A 118 16.89 2.57 -0.92
C GLU A 118 16.50 3.94 -1.46
N LEU A 119 15.70 4.00 -2.52
N LEU A 119 15.69 4.00 -2.51
CA LEU A 119 15.28 5.32 -3.01
CA LEU A 119 15.28 5.32 -3.02
C LEU A 119 14.37 6.00 -2.00
C LEU A 119 14.34 6.00 -2.04
N HIS A 120 13.46 5.25 -1.39
CA HIS A 120 12.56 5.82 -0.39
C HIS A 120 13.36 6.40 0.79
N ALA A 121 14.30 5.61 1.33
CA ALA A 121 15.08 6.09 2.48
C ALA A 121 15.95 7.28 2.10
N THR A 122 16.57 7.21 0.93
CA THR A 122 17.44 8.30 0.50
C THR A 122 16.61 9.56 0.26
N ALA A 123 15.38 9.43 -0.21
CA ALA A 123 14.50 10.58 -0.35
C ALA A 123 14.29 11.30 0.96
N HIS A 124 14.16 10.56 2.06
CA HIS A 124 14.05 11.21 3.37
C HIS A 124 15.28 12.03 3.68
N ALA A 125 16.48 11.51 3.38
CA ALA A 125 17.69 12.28 3.61
C ALA A 125 17.75 13.52 2.73
N ILE A 126 17.33 13.40 1.47
CA ILE A 126 17.29 14.55 0.60
C ILE A 126 16.30 15.58 1.13
N ASP A 127 15.09 15.14 1.51
CA ASP A 127 14.10 16.05 2.10
C ASP A 127 14.68 16.79 3.30
N HIS A 128 15.23 16.05 4.27
CA HIS A 128 15.63 16.62 5.54
C HIS A 128 16.93 17.40 5.45
N ILE A 129 17.96 16.81 4.88
CA ILE A 129 19.30 17.40 4.87
C ILE A 129 19.48 18.40 3.73
N VAL A 130 19.08 18.01 2.52
CA VAL A 130 19.35 18.81 1.32
C VAL A 130 18.33 19.91 1.13
N LEU A 131 17.05 19.61 1.41
CA LEU A 131 15.93 20.49 1.08
C LEU A 131 15.28 21.08 2.33
N ASN A 132 15.87 20.89 3.50
CA ASN A 132 15.45 21.58 4.72
C ASN A 132 13.97 21.32 5.02
N ASP A 133 13.59 20.04 4.96
CA ASP A 133 12.24 19.59 5.29
C ASP A 133 11.17 20.22 4.41
N ILE A 134 11.43 20.22 3.11
CA ILE A 134 10.46 20.75 2.16
C ILE A 134 9.12 20.00 2.22
N SER A 135 9.13 18.72 2.61
CA SER A 135 7.87 17.99 2.63
C SER A 135 6.89 18.55 3.65
N LYS A 136 7.38 19.31 4.62
CA LYS A 136 6.56 19.91 5.66
C LYS A 136 6.25 21.38 5.40
N SER A 137 6.59 21.86 4.22
CA SER A 137 6.29 23.23 3.80
C SER A 137 4.85 23.36 3.40
N ALA A 138 4.38 24.62 3.37
CA ALA A 138 3.00 24.86 3.00
C ALA A 138 2.71 24.40 1.58
N GLN A 139 3.64 24.64 0.66
CA GLN A 139 3.41 24.26 -0.72
C GLN A 139 3.17 22.76 -0.84
N PHE A 140 4.05 21.97 -0.23
CA PHE A 140 3.88 20.52 -0.35
C PHE A 140 2.69 20.04 0.44
N LYS A 141 2.38 20.66 1.58
CA LYS A 141 1.19 20.26 2.33
C LYS A 141 -0.05 20.34 1.45
N GLN A 142 -0.17 21.38 0.64
CA GLN A 142 -1.36 21.53 -0.19
C GLN A 142 -1.43 20.45 -1.26
N ILE A 143 -0.29 20.10 -1.86
CA ILE A 143 -0.25 19.03 -2.85
C ILE A 143 -0.61 17.70 -2.20
N PHE A 144 -0.01 17.45 -1.03
CA PHE A 144 -0.26 16.23 -0.24
C PHE A 144 -1.72 16.12 0.13
N ALA A 145 -2.36 17.22 0.48
CA ALA A 145 -3.77 17.17 0.84
C ALA A 145 -4.61 16.65 -0.32
N LYS A 146 -4.23 16.98 -1.55
CA LYS A 146 -4.99 16.55 -2.71
C LYS A 146 -4.60 15.15 -3.20
N GLU A 147 -3.31 14.86 -3.25
CA GLU A 147 -2.80 13.69 -3.94
C GLU A 147 -2.24 12.62 -3.04
N GLY A 148 -2.16 12.86 -1.73
CA GLY A 148 -1.44 12.00 -0.82
C GLY A 148 -2.02 10.63 -0.57
N ARG A 149 -3.24 10.37 -1.02
CA ARG A 149 -3.86 9.05 -0.90
C ARG A 149 -3.84 8.29 -2.22
N SER A 150 -3.21 8.84 -3.27
CA SER A 150 -3.33 8.30 -4.61
C SER A 150 -2.22 7.32 -4.96
N LEU A 151 -1.35 7.02 -4.01
CA LEU A 151 -0.35 5.97 -4.18
C LEU A 151 -0.65 4.77 -3.28
N GLY A 152 -1.80 4.72 -2.66
CA GLY A 152 -2.08 3.62 -1.76
C GLY A 152 -1.50 3.89 -0.39
N ASN A 153 -1.63 2.87 0.45
CA ASN A 153 -1.14 2.90 1.83
C ASN A 153 -1.62 4.19 2.49
N VAL A 154 -2.94 4.38 2.46
CA VAL A 154 -3.50 5.68 2.79
C VAL A 154 -3.28 6.06 4.24
N ASN A 155 -3.14 5.10 5.12
CA ASN A 155 -2.96 5.40 6.53
C ASN A 155 -1.51 5.68 6.87
N PHE A 156 -0.60 5.62 5.89
CA PHE A 156 0.80 5.95 6.08
C PHE A 156 1.17 7.08 5.12
N LEU A 157 1.19 6.82 3.82
CA LEU A 157 1.46 7.87 2.83
C LEU A 157 0.46 9.00 2.92
N GLY A 158 -0.81 8.69 3.19
CA GLY A 158 -1.82 9.74 3.19
C GLY A 158 -1.90 10.56 4.47
N VAL A 159 -1.17 10.12 5.48
CA VAL A 159 -1.21 10.74 6.80
C VAL A 159 0.04 11.57 7.06
N TYR A 160 1.20 11.13 6.56
CA TYR A 160 2.49 11.79 6.86
C TYR A 160 3.06 12.38 5.58
N PRO A 161 3.10 13.71 5.43
CA PRO A 161 3.57 14.28 4.16
C PRO A 161 4.98 13.89 3.82
N GLU A 162 5.85 13.71 4.83
CA GLU A 162 7.22 13.28 4.54
C GLU A 162 7.25 11.89 3.94
N GLU A 163 6.30 11.01 4.30
CA GLU A 163 6.24 9.69 3.70
C GLU A 163 5.73 9.75 2.27
N PHE A 164 4.69 10.55 2.02
CA PHE A 164 4.24 10.75 0.65
C PHE A 164 5.35 11.34 -0.21
N PHE A 165 6.12 12.31 0.33
CA PHE A 165 7.25 12.85 -0.41
C PHE A 165 8.25 11.74 -0.75
N ALA A 166 8.65 10.96 0.24
CA ALA A 166 9.69 9.96 0.02
C ALA A 166 9.24 8.91 -0.98
N GLU A 167 7.98 8.47 -0.88
CA GLU A 167 7.49 7.47 -1.81
C GLU A 167 7.35 8.03 -3.22
N SER A 168 6.83 9.26 -3.34
N SER A 168 6.85 9.28 -3.35
CA SER A 168 6.71 9.88 -4.65
CA SER A 168 6.71 9.85 -4.68
C SER A 168 8.09 10.03 -5.30
C SER A 168 8.08 10.11 -5.33
N PHE A 169 9.07 10.49 -4.51
CA PHE A 169 10.44 10.60 -5.01
C PHE A 169 10.94 9.25 -5.52
N ALA A 170 10.67 8.19 -4.77
CA ALA A 170 11.08 6.84 -5.21
C ALA A 170 10.40 6.46 -6.52
N TYR A 171 9.10 6.74 -6.67
CA TYR A 171 8.45 6.48 -7.96
C TYR A 171 9.10 7.29 -9.07
N TYR A 172 9.40 8.56 -8.78
CA TYR A 172 9.94 9.42 -9.82
C TYR A 172 11.28 8.89 -10.34
N TYR A 173 12.11 8.34 -9.45
CA TYR A 173 13.48 7.97 -9.76
C TYR A 173 13.74 6.48 -9.93
N LEU A 174 12.79 5.58 -9.66
CA LEU A 174 13.13 4.16 -9.79
C LEU A 174 13.30 3.76 -11.25
N ASN A 175 12.25 3.88 -12.05
CA ASN A 175 12.34 3.47 -13.44
C ASN A 175 11.29 4.21 -14.25
N GLN A 176 11.30 3.95 -15.55
CA GLN A 176 10.40 4.67 -16.45
C GLN A 176 8.94 4.38 -16.14
N ASP A 177 8.64 3.15 -15.70
CA ASP A 177 7.25 2.80 -15.45
C ASP A 177 6.71 3.46 -14.17
N THR A 178 7.50 3.44 -13.08
CA THR A 178 7.03 4.10 -11.87
C THR A 178 6.95 5.60 -12.08
N ASN A 179 7.85 6.17 -12.89
CA ASN A 179 7.79 7.60 -13.17
C ASN A 179 6.51 7.93 -13.90
N SER A 180 6.17 7.13 -14.92
N SER A 180 6.15 7.13 -14.91
N SER A 180 6.14 7.12 -14.90
CA SER A 180 4.92 7.30 -15.67
CA SER A 180 4.91 7.35 -15.64
CA SER A 180 4.91 7.36 -15.64
C SER A 180 3.72 7.15 -14.75
C SER A 180 3.70 7.15 -14.75
C SER A 180 3.68 7.12 -14.78
N LYS A 181 3.73 6.13 -13.88
CA LYS A 181 2.61 5.92 -12.97
C LYS A 181 2.41 7.11 -12.04
N LEU A 182 3.50 7.68 -11.53
CA LEU A 182 3.36 8.86 -10.68
C LEU A 182 2.75 10.02 -11.44
N LYS A 183 3.20 10.25 -12.66
CA LYS A 183 2.65 11.37 -13.43
C LYS A 183 1.14 11.22 -13.60
N SER A 184 0.67 9.99 -13.84
N SER A 184 0.67 10.00 -13.82
CA SER A 184 -0.75 9.78 -14.04
CA SER A 184 -0.74 9.77 -14.04
C SER A 184 -1.53 9.92 -12.73
C SER A 184 -1.54 9.87 -12.75
N ALA A 185 -1.00 9.37 -11.63
CA ALA A 185 -1.76 9.33 -10.39
C ALA A 185 -1.69 10.63 -9.62
N CYS A 186 -0.53 11.30 -9.65
CA CYS A 186 -0.21 12.44 -8.79
C CYS A 186 0.44 13.53 -9.63
N PRO A 187 -0.32 14.14 -10.55
CA PRO A 187 0.30 15.09 -11.48
C PRO A 187 0.90 16.32 -10.82
N GLN A 188 0.29 16.84 -9.76
CA GLN A 188 0.90 18.00 -9.10
C GLN A 188 2.19 17.63 -8.39
N THR A 189 2.20 16.44 -7.78
CA THR A 189 3.42 15.98 -7.12
C THR A 189 4.53 15.77 -8.14
N TYR A 190 4.18 15.15 -9.28
CA TYR A 190 5.14 14.95 -10.34
C TYR A 190 5.74 16.29 -10.79
N SER A 191 4.88 17.29 -11.03
CA SER A 191 5.40 18.58 -11.47
C SER A 191 6.27 19.23 -10.40
N PHE A 192 5.87 19.09 -9.14
CA PHE A 192 6.67 19.62 -8.03
C PHE A 192 8.06 19.02 -8.04
N LEU A 193 8.16 17.70 -8.22
CA LEU A 193 9.46 17.02 -8.24
C LEU A 193 10.26 17.40 -9.47
N GLN A 194 9.60 17.51 -10.62
CA GLN A 194 10.29 17.96 -11.83
C GLN A 194 10.91 19.33 -11.60
N ASN A 195 10.16 20.24 -10.97
N ASN A 195 10.16 20.24 -10.99
CA ASN A 195 10.67 21.60 -10.79
CA ASN A 195 10.66 21.58 -10.77
C ASN A 195 11.78 21.64 -9.74
C ASN A 195 11.82 21.58 -9.79
N LEU A 196 11.72 20.77 -8.73
CA LEU A 196 12.77 20.73 -7.74
C LEU A 196 14.11 20.37 -8.35
N ALA A 197 14.11 19.55 -9.40
CA ALA A 197 15.34 19.08 -10.01
C ALA A 197 15.84 20.00 -11.12
N LYS A 198 15.07 20.99 -11.53
CA LYS A 198 15.50 21.94 -12.55
C LYS A 198 16.69 22.74 -12.04
N THR B 7 -23.28 -18.93 -13.62
CA THR B 7 -24.41 -18.10 -13.95
C THR B 7 -23.96 -16.97 -14.85
N THR B 8 -24.90 -16.45 -15.63
CA THR B 8 -24.64 -15.36 -16.54
C THR B 8 -24.59 -14.01 -15.80
N ILE B 9 -24.10 -12.98 -16.52
CA ILE B 9 -24.17 -11.62 -15.98
C ILE B 9 -25.63 -11.24 -15.71
N GLN B 10 -26.53 -11.62 -16.60
CA GLN B 10 -27.93 -11.32 -16.40
C GLN B 10 -28.41 -11.95 -15.09
N GLN B 11 -28.09 -13.22 -14.87
CA GLN B 11 -28.49 -13.86 -13.62
C GLN B 11 -27.88 -13.18 -12.41
N ASN B 12 -26.59 -12.81 -12.50
CA ASN B 12 -25.95 -12.15 -11.37
C ASN B 12 -26.57 -10.80 -11.06
N LYS B 13 -26.95 -10.05 -12.10
CA LYS B 13 -27.66 -8.79 -11.85
C LYS B 13 -29.03 -9.04 -11.25
N ASP B 14 -29.71 -10.10 -11.66
CA ASP B 14 -30.97 -10.46 -11.03
C ASP B 14 -30.79 -10.78 -9.55
N THR B 15 -29.77 -11.57 -9.22
CA THR B 15 -29.46 -11.85 -7.82
C THR B 15 -29.16 -10.57 -7.06
N LEU B 16 -28.33 -9.70 -7.63
CA LEU B 16 -27.97 -8.49 -6.95
C LEU B 16 -29.17 -7.58 -6.74
N SER B 17 -30.17 -7.62 -7.65
CA SER B 17 -31.35 -6.81 -7.43
C SER B 17 -32.12 -7.27 -6.20
N GLN B 18 -31.88 -8.49 -5.73
CA GLN B 18 -32.52 -9.02 -4.55
CA GLN B 18 -32.52 -9.02 -4.54
C GLN B 18 -31.68 -8.92 -3.27
N ILE B 19 -30.39 -8.54 -3.37
CA ILE B 19 -29.56 -8.42 -2.18
C ILE B 19 -28.96 -7.03 -1.95
N VAL B 20 -28.79 -6.22 -3.01
CA VAL B 20 -28.28 -4.87 -2.82
C VAL B 20 -29.38 -3.99 -2.27
N VAL B 21 -29.04 -3.16 -1.29
CA VAL B 21 -29.95 -2.23 -0.66
C VAL B 21 -29.40 -0.82 -0.89
N PHE B 22 -30.20 0.01 -1.56
CA PHE B 22 -29.85 1.39 -1.85
C PHE B 22 -30.29 2.27 -0.70
N PRO B 23 -29.63 3.40 -0.49
CA PRO B 23 -29.90 4.21 0.69
C PRO B 23 -31.04 5.19 0.48
N THR B 24 -31.47 5.78 1.60
CA THR B 24 -32.57 6.74 1.60
C THR B 24 -32.19 8.06 0.98
N GLY B 25 -30.96 8.50 1.16
CA GLY B 25 -30.64 9.82 0.69
C GLY B 25 -30.48 9.92 -0.82
N ASN B 26 -30.08 11.11 -1.26
CA ASN B 26 -29.68 11.38 -2.62
C ASN B 26 -28.18 11.11 -2.72
N TYR B 27 -27.73 10.66 -3.88
CA TYR B 27 -26.34 10.22 -4.07
C TYR B 27 -26.12 10.02 -5.57
N ASP B 28 -24.89 9.64 -5.93
CA ASP B 28 -24.51 9.41 -7.33
C ASP B 28 -25.05 8.05 -7.79
N LYS B 29 -26.22 8.08 -8.42
CA LYS B 29 -26.90 6.85 -8.80
C LYS B 29 -26.11 6.08 -9.84
N ASN B 30 -25.44 6.79 -10.74
CA ASN B 30 -24.64 6.09 -11.74
C ASN B 30 -23.48 5.34 -11.09
N GLU B 31 -22.85 5.92 -10.08
CA GLU B 31 -21.75 5.24 -9.42
C GLU B 31 -22.26 4.05 -8.62
N ALA B 32 -23.43 4.15 -8.01
CA ALA B 32 -23.99 2.96 -7.34
C ALA B 32 -24.20 1.84 -8.35
N ASN B 33 -24.70 2.18 -9.54
CA ASN B 33 -24.86 1.16 -10.56
CA ASN B 33 -24.85 1.18 -10.59
C ASN B 33 -23.53 0.55 -10.97
N ALA B 34 -22.47 1.37 -11.01
CA ALA B 34 -21.14 0.87 -11.33
C ALA B 34 -20.65 -0.12 -10.29
N MET B 35 -20.96 0.12 -9.01
CA MET B 35 -20.58 -0.81 -7.95
C MET B 35 -21.31 -2.14 -8.13
N VAL B 36 -22.62 -2.09 -8.45
CA VAL B 36 -23.36 -3.32 -8.73
C VAL B 36 -22.74 -4.07 -9.90
N ASN B 37 -22.36 -3.35 -10.95
CA ASN B 37 -21.78 -4.03 -12.11
C ASN B 37 -20.48 -4.72 -11.74
N ARG B 38 -19.65 -4.11 -10.89
CA ARG B 38 -18.42 -4.79 -10.46
C ARG B 38 -18.73 -6.00 -9.62
N LEU B 39 -19.72 -5.90 -8.72
CA LEU B 39 -20.13 -7.07 -7.92
C LEU B 39 -20.61 -8.21 -8.80
N ALA B 40 -21.17 -7.90 -9.96
CA ALA B 40 -21.67 -8.95 -10.86
C ALA B 40 -20.56 -9.80 -11.43
N ASN B 41 -19.30 -9.39 -11.28
CA ASN B 41 -18.17 -10.22 -11.70
C ASN B 41 -17.91 -11.36 -10.73
N ILE B 42 -18.44 -11.32 -9.52
CA ILE B 42 -18.25 -12.41 -8.58
C ILE B 42 -19.06 -13.62 -9.05
N ASP B 43 -18.47 -14.82 -8.95
CA ASP B 43 -19.16 -16.04 -9.33
C ASP B 43 -20.53 -16.09 -8.68
N GLY B 44 -21.54 -16.38 -9.48
CA GLY B 44 -22.90 -16.38 -8.99
C GLY B 44 -23.14 -17.37 -7.87
N LYS B 45 -22.38 -18.45 -7.82
CA LYS B 45 -22.63 -19.39 -6.72
C LYS B 45 -22.45 -18.69 -5.38
N TYR B 46 -21.46 -17.80 -5.27
CA TYR B 46 -21.27 -17.09 -4.01
C TYR B 46 -22.38 -16.08 -3.77
N LEU B 47 -22.76 -15.34 -4.80
CA LEU B 47 -23.81 -14.35 -4.64
C LEU B 47 -25.10 -15.02 -4.20
N ASN B 48 -25.45 -16.16 -4.83
CA ASN B 48 -26.67 -16.86 -4.45
C ASN B 48 -26.58 -17.47 -3.06
N ALA B 49 -25.39 -17.86 -2.61
CA ALA B 49 -25.24 -18.31 -1.23
C ALA B 49 -25.44 -17.16 -0.26
N LEU B 50 -24.95 -15.95 -0.58
CA LEU B 50 -25.22 -14.80 0.27
C LEU B 50 -26.71 -14.55 0.34
N LYS B 51 -27.40 -14.61 -0.79
CA LYS B 51 -28.85 -14.41 -0.82
C LYS B 51 -29.58 -15.45 0.03
N GLN B 52 -29.11 -16.70 -0.01
CA GLN B 52 -29.71 -17.76 0.79
C GLN B 52 -29.65 -17.45 2.26
N ASN B 53 -28.58 -16.77 2.70
CA ASN B 53 -28.34 -16.38 4.08
C ASN B 53 -28.89 -15.00 4.42
N ASN B 54 -29.65 -14.38 3.52
CA ASN B 54 -30.28 -13.09 3.76
C ASN B 54 -29.24 -11.99 4.03
N LEU B 55 -28.07 -12.10 3.42
CA LEU B 55 -27.06 -11.05 3.52
C LEU B 55 -27.42 -9.94 2.57
N LYS B 56 -27.44 -8.71 3.09
CA LYS B 56 -27.67 -7.53 2.28
C LYS B 56 -26.37 -6.81 2.00
N ILE B 57 -26.22 -6.34 0.77
CA ILE B 57 -25.09 -5.50 0.41
C ILE B 57 -25.60 -4.07 0.45
N LYS B 58 -25.31 -3.37 1.55
CA LYS B 58 -25.87 -2.04 1.78
C LYS B 58 -24.95 -0.98 1.21
N LEU B 59 -25.46 -0.19 0.27
CA LEU B 59 -24.76 0.95 -0.29
C LEU B 59 -25.21 2.19 0.46
N LEU B 60 -24.24 3.00 0.91
CA LEU B 60 -24.52 4.10 1.82
C LEU B 60 -24.20 5.44 1.19
N SER B 61 -24.99 6.46 1.57
CA SER B 61 -24.76 7.83 1.16
C SER B 61 -24.15 8.69 2.27
N GLY B 62 -23.90 8.12 3.45
CA GLY B 62 -23.25 8.82 4.53
C GLY B 62 -22.17 7.91 5.11
N LYS B 63 -21.72 8.20 6.31
CA LYS B 63 -20.68 7.39 6.95
C LYS B 63 -21.27 6.06 7.42
N LEU B 64 -20.38 5.07 7.58
N LEU B 64 -20.39 5.06 7.59
CA LEU B 64 -20.82 3.80 8.12
CA LEU B 64 -20.84 3.78 8.12
C LEU B 64 -21.59 3.99 9.41
C LEU B 64 -21.59 3.99 9.42
N THR B 65 -21.03 4.81 10.30
CA THR B 65 -21.59 5.00 11.63
C THR B 65 -22.82 5.89 11.64
N ASP B 66 -23.22 6.44 10.49
CA ASP B 66 -24.50 7.13 10.42
C ASP B 66 -25.66 6.14 10.30
N GLU B 67 -25.39 4.87 10.07
CA GLU B 67 -26.44 3.86 10.08
C GLU B 67 -26.68 3.39 11.51
N LYS B 68 -27.94 3.23 11.86
CA LYS B 68 -28.27 2.85 13.23
C LYS B 68 -27.54 1.59 13.66
N GLU B 69 -27.44 0.61 12.76
CA GLU B 69 -26.86 -0.67 13.16
C GLU B 69 -25.35 -0.60 13.37
N TYR B 70 -24.69 0.49 12.98
CA TYR B 70 -23.26 0.64 13.20
C TYR B 70 -22.94 1.78 14.16
N ALA B 71 -23.96 2.37 14.78
CA ALA B 71 -23.68 3.44 15.73
C ALA B 71 -22.73 2.99 16.84
N TYR B 72 -22.78 1.72 17.20
CA TYR B 72 -21.91 1.20 18.24
C TYR B 72 -20.42 1.28 17.89
N LEU B 73 -20.07 1.48 16.62
CA LEU B 73 -18.69 1.59 16.18
C LEU B 73 -18.14 3.01 16.20
N LYS B 74 -18.97 4.00 16.52
CA LYS B 74 -18.49 5.37 16.59
C LYS B 74 -17.30 5.45 17.55
N GLY B 75 -16.18 6.00 17.07
CA GLY B 75 -14.98 6.17 17.87
C GLY B 75 -14.10 4.94 18.01
N VAL B 76 -14.53 3.79 17.53
CA VAL B 76 -13.77 2.56 17.66
C VAL B 76 -12.68 2.51 16.60
N VAL B 77 -11.48 2.08 16.97
CA VAL B 77 -10.35 2.00 16.05
C VAL B 77 -10.37 0.65 15.37
N PRO B 78 -10.51 0.58 14.04
CA PRO B 78 -10.50 -0.72 13.36
C PRO B 78 -9.18 -1.45 13.52
N LYS B 79 -9.27 -2.78 13.45
CA LYS B 79 -8.10 -3.62 13.29
C LYS B 79 -7.27 -3.09 12.13
N GLY B 80 -5.97 -2.92 12.39
CA GLY B 80 -5.07 -2.43 11.37
C GLY B 80 -5.00 -0.93 11.22
N TRP B 81 -5.82 -0.19 11.96
CA TRP B 81 -5.91 1.27 11.87
C TRP B 81 -5.35 2.00 13.08
N GLU B 82 -4.69 1.29 13.99
CA GLU B 82 -4.09 1.96 15.14
C GLU B 82 -3.07 3.01 14.71
N GLY B 83 -3.04 4.12 15.45
CA GLY B 83 -2.07 5.18 15.24
C GLY B 83 -2.37 6.12 14.09
N THR B 84 -3.39 5.85 13.28
CA THR B 84 -3.71 6.68 12.13
C THR B 84 -4.53 7.92 12.49
N GLY B 85 -5.04 8.02 13.72
CA GLY B 85 -5.98 9.07 14.07
C GLY B 85 -7.36 8.90 13.50
N LYS B 86 -7.63 7.79 12.83
CA LYS B 86 -8.92 7.51 12.23
C LYS B 86 -9.63 6.39 12.98
N THR B 87 -10.94 6.33 12.80
CA THR B 87 -11.82 5.39 13.49
C THR B 87 -12.77 4.78 12.47
N TRP B 88 -13.67 3.91 12.94
CA TRP B 88 -14.65 3.30 12.04
C TRP B 88 -15.51 4.34 11.33
N ASP B 89 -15.70 5.50 11.96
CA ASP B 89 -16.43 6.60 11.32
C ASP B 89 -15.83 6.97 9.97
N ASP B 90 -14.52 6.74 9.81
CA ASP B 90 -13.77 7.10 8.63
C ASP B 90 -13.61 5.98 7.62
N VAL B 91 -14.08 4.77 7.94
CA VAL B 91 -13.83 3.61 7.10
C VAL B 91 -14.89 3.53 6.02
N PRO B 92 -14.52 3.32 4.76
CA PRO B 92 -15.53 3.35 3.69
C PRO B 92 -16.23 2.03 3.42
N GLY B 93 -15.66 0.91 3.84
CA GLY B 93 -16.22 -0.40 3.55
C GLY B 93 -16.04 -1.36 4.71
N LEU B 94 -17.11 -2.07 5.05
CA LEU B 94 -17.15 -3.03 6.12
C LEU B 94 -17.71 -4.34 5.56
N GLY B 95 -17.07 -5.46 5.93
CA GLY B 95 -17.57 -6.76 5.56
C GLY B 95 -17.35 -7.76 6.67
N GLY B 96 -18.21 -8.78 6.71
CA GLY B 96 -18.13 -9.83 7.72
C GLY B 96 -19.50 -10.45 7.85
N SER B 97 -20.18 -10.22 8.98
N SER B 97 -20.18 -10.22 8.97
CA SER B 97 -21.54 -10.69 9.14
CA SER B 97 -21.55 -10.71 9.12
C SER B 97 -22.53 -9.86 8.34
C SER B 97 -22.57 -9.82 8.43
N THR B 98 -22.14 -8.64 7.96
CA THR B 98 -22.91 -7.72 7.16
C THR B 98 -21.94 -7.13 6.14
N VAL B 99 -22.48 -6.35 5.20
CA VAL B 99 -21.69 -5.63 4.21
C VAL B 99 -22.26 -4.22 4.08
N ALA B 100 -21.40 -3.21 4.20
CA ALA B 100 -21.82 -1.82 4.09
C ALA B 100 -20.72 -1.03 3.40
N LEU B 101 -21.12 -0.21 2.43
CA LEU B 101 -20.19 0.37 1.47
C LEU B 101 -20.57 1.80 1.15
N ARG B 102 -19.64 2.74 1.30
CA ARG B 102 -19.91 4.13 0.93
C ARG B 102 -19.80 4.31 -0.58
N ILE B 103 -20.86 4.83 -1.18
CA ILE B 103 -20.90 5.08 -2.61
C ILE B 103 -19.87 6.14 -2.97
N GLY B 104 -19.07 5.85 -4.01
CA GLY B 104 -18.02 6.72 -4.46
C GLY B 104 -16.65 6.33 -3.99
N PHE B 105 -16.54 5.42 -3.03
CA PHE B 105 -15.26 5.08 -2.41
C PHE B 105 -14.70 3.76 -2.92
N SER B 106 -15.14 3.29 -4.10
CA SER B 106 -14.69 2.00 -4.60
C SER B 106 -13.18 1.91 -4.80
N ASN B 107 -12.57 2.93 -5.38
CA ASN B 107 -11.21 2.76 -5.87
C ASN B 107 -10.20 2.75 -4.74
N LYS B 108 -9.09 2.05 -4.98
CA LYS B 108 -7.98 2.08 -4.05
CA LYS B 108 -7.98 2.08 -4.05
C LYS B 108 -7.57 3.52 -3.81
N GLY B 109 -7.36 3.85 -2.54
CA GLY B 109 -6.99 5.18 -2.14
C GLY B 109 -8.13 6.03 -1.63
N LYS B 110 -9.38 5.60 -1.85
CA LYS B 110 -10.54 6.38 -1.41
C LYS B 110 -10.82 6.05 0.06
N GLY B 111 -9.85 6.39 0.90
CA GLY B 111 -9.98 6.12 2.31
C GLY B 111 -9.69 4.69 2.71
N HIS B 112 -9.19 3.88 1.79
CA HIS B 112 -8.88 2.48 2.06
C HIS B 112 -7.87 2.03 1.02
N ASP B 113 -7.32 0.83 1.23
CA ASP B 113 -6.22 0.31 0.43
C ASP B 113 -6.58 -0.88 -0.46
N ALA B 114 -7.84 -1.30 -0.48
CA ALA B 114 -8.22 -2.44 -1.30
C ALA B 114 -8.25 -2.09 -2.77
N ILE B 115 -8.01 -3.10 -3.59
CA ILE B 115 -8.08 -2.95 -5.04
C ILE B 115 -9.46 -2.52 -5.47
N ASN B 116 -10.48 -2.93 -4.72
CA ASN B 116 -11.86 -2.53 -4.94
C ASN B 116 -12.61 -2.71 -3.63
N LEU B 117 -13.30 -1.66 -3.21
CA LEU B 117 -14.00 -1.64 -1.92
C LEU B 117 -15.02 -2.75 -1.82
N GLU B 118 -15.94 -2.81 -2.79
CA GLU B 118 -17.10 -3.69 -2.68
C GLU B 118 -16.73 -5.16 -2.82
N LEU B 119 -15.78 -5.50 -3.68
CA LEU B 119 -15.40 -6.90 -3.79
C LEU B 119 -14.66 -7.35 -2.55
N HIS B 120 -13.82 -6.49 -1.97
CA HIS B 120 -13.10 -6.82 -0.76
C HIS B 120 -14.07 -7.09 0.40
N ALA B 121 -15.03 -6.16 0.60
CA ALA B 121 -15.98 -6.33 1.71
C ALA B 121 -16.86 -7.57 1.50
N THR B 122 -17.33 -7.77 0.27
CA THR B 122 -18.19 -8.93 -0.02
C THR B 122 -17.42 -10.22 0.20
N ALA B 123 -16.12 -10.23 -0.12
CA ALA B 123 -15.29 -11.40 0.14
C ALA B 123 -15.30 -11.77 1.62
N HIS B 124 -15.22 -10.77 2.52
CA HIS B 124 -15.32 -11.06 3.94
C HIS B 124 -16.61 -11.76 4.28
N ALA B 125 -17.73 -11.31 3.69
CA ALA B 125 -19.01 -11.94 3.96
C ALA B 125 -19.04 -13.37 3.41
N ILE B 126 -18.49 -13.59 2.23
CA ILE B 126 -18.43 -14.96 1.69
C ILE B 126 -17.59 -15.86 2.62
N ASP B 127 -16.43 -15.37 3.03
CA ASP B 127 -15.57 -16.08 3.97
C ASP B 127 -16.31 -16.46 5.25
N HIS B 128 -16.92 -15.47 5.90
CA HIS B 128 -17.50 -15.65 7.22
C HIS B 128 -18.84 -16.34 7.20
N ILE B 129 -19.74 -15.90 6.32
CA ILE B 129 -21.12 -16.38 6.33
C ILE B 129 -21.22 -17.70 5.58
N VAL B 130 -20.67 -17.74 4.39
CA VAL B 130 -20.89 -18.89 3.53
C VAL B 130 -19.89 -20.00 3.83
N LEU B 131 -18.62 -19.65 4.02
CA LEU B 131 -17.53 -20.62 4.00
C LEU B 131 -16.89 -20.89 5.37
N ASN B 132 -17.56 -20.56 6.47
CA ASN B 132 -17.14 -21.00 7.80
C ASN B 132 -15.73 -20.51 8.13
N ASP B 133 -15.47 -19.25 7.81
CA ASP B 133 -14.18 -18.65 8.12
C ASP B 133 -13.04 -19.45 7.49
N ILE B 134 -13.23 -19.75 6.20
CA ILE B 134 -12.22 -20.49 5.44
C ILE B 134 -10.86 -19.80 5.46
N SER B 135 -10.81 -18.47 5.60
CA SER B 135 -9.51 -17.80 5.65
C SER B 135 -8.70 -18.17 6.87
N LYS B 136 -9.35 -18.69 7.90
CA LYS B 136 -8.69 -19.16 9.10
C LYS B 136 -8.56 -20.68 9.13
N SER B 137 -8.87 -21.35 8.01
CA SER B 137 -8.74 -22.79 7.93
C SER B 137 -7.27 -23.18 7.82
N ALA B 138 -6.99 -24.43 8.15
CA ALA B 138 -5.61 -24.92 8.16
C ALA B 138 -4.96 -24.84 6.79
N GLN B 139 -5.70 -25.15 5.71
CA GLN B 139 -5.11 -25.07 4.39
C GLN B 139 -4.76 -23.64 4.01
N PHE B 140 -5.70 -22.70 4.25
CA PHE B 140 -5.42 -21.33 3.88
C PHE B 140 -4.31 -20.76 4.74
N LYS B 141 -4.23 -21.18 6.01
CA LYS B 141 -3.17 -20.71 6.89
C LYS B 141 -1.79 -20.92 6.27
N GLN B 142 -1.57 -22.09 5.69
CA GLN B 142 -0.27 -22.39 5.12
C GLN B 142 0.01 -21.54 3.89
N ILE B 143 -1.01 -21.32 3.05
CA ILE B 143 -0.85 -20.46 1.88
C ILE B 143 -0.56 -19.03 2.30
N PHE B 144 -1.33 -18.52 3.29
CA PHE B 144 -1.14 -17.17 3.80
C PHE B 144 0.26 -16.97 4.36
N ALA B 145 0.79 -17.97 5.06
CA ALA B 145 2.12 -17.81 5.63
C ALA B 145 3.15 -17.57 4.54
N LYS B 146 2.98 -18.20 3.38
CA LYS B 146 3.96 -18.08 2.30
C LYS B 146 3.74 -16.83 1.45
N GLU B 147 2.47 -16.53 1.12
CA GLU B 147 2.14 -15.56 0.07
C GLU B 147 1.55 -14.25 0.61
N GLY B 148 1.34 -14.13 1.92
CA GLY B 148 0.56 -13.03 2.47
C GLY B 148 1.23 -11.66 2.42
N ARG B 149 2.52 -11.59 2.10
CA ARG B 149 3.22 -10.32 1.96
C ARG B 149 3.41 -9.94 0.51
N SER B 150 2.84 -10.69 -0.43
CA SER B 150 3.12 -10.55 -1.85
C SER B 150 2.07 -9.74 -2.62
N LEU B 151 1.05 -9.21 -1.92
CA LEU B 151 0.01 -8.38 -2.51
C LEU B 151 0.00 -6.95 -1.99
N GLY B 152 1.08 -6.53 -1.37
CA GLY B 152 1.24 -5.21 -0.78
C GLY B 152 0.72 -5.14 0.63
N ASN B 153 0.85 -3.94 1.22
CA ASN B 153 0.32 -3.63 2.57
C ASN B 153 0.70 -4.71 3.58
N VAL B 154 2.01 -4.93 3.70
CA VAL B 154 2.46 -6.15 4.37
C VAL B 154 2.11 -6.17 5.85
N ASN B 155 1.94 -5.01 6.49
CA ASN B 155 1.59 -4.96 7.91
C ASN B 155 0.10 -5.13 8.16
N PHE B 156 -0.71 -5.30 7.10
CA PHE B 156 -2.15 -5.52 7.22
C PHE B 156 -2.48 -6.85 6.54
N LEU B 157 -2.30 -6.94 5.22
CA LEU B 157 -2.54 -8.19 4.52
C LEU B 157 -1.62 -9.30 5.01
N GLY B 158 -0.37 -8.97 5.38
CA GLY B 158 0.53 -10.03 5.79
C GLY B 158 0.33 -10.53 7.20
N VAL B 159 -0.51 -9.83 7.96
CA VAL B 159 -0.71 -10.10 9.37
C VAL B 159 -2.05 -10.77 9.65
N TYR B 160 -3.08 -10.44 8.89
CA TYR B 160 -4.44 -10.93 9.12
C TYR B 160 -4.88 -11.80 7.96
N PRO B 161 -4.99 -13.12 8.14
CA PRO B 161 -5.32 -14.00 7.01
C PRO B 161 -6.66 -13.65 6.38
N GLU B 162 -7.63 -13.20 7.19
CA GLU B 162 -8.92 -12.82 6.63
C GLU B 162 -8.79 -11.63 5.69
N GLU B 163 -7.84 -10.74 5.94
CA GLU B 163 -7.60 -9.60 5.05
C GLU B 163 -6.91 -10.05 3.76
N PHE B 164 -5.89 -10.90 3.87
CA PHE B 164 -5.28 -11.46 2.68
C PHE B 164 -6.30 -12.23 1.84
N PHE B 165 -7.15 -13.03 2.49
CA PHE B 165 -8.19 -13.73 1.73
C PHE B 165 -9.08 -12.76 0.98
N ALA B 166 -9.59 -11.73 1.70
CA ALA B 166 -10.55 -10.83 1.08
C ALA B 166 -9.93 -10.09 -0.09
N GLU B 167 -8.68 -9.63 0.09
CA GLU B 167 -8.00 -8.92 -0.96
C GLU B 167 -7.70 -9.82 -2.15
N SER B 168 -7.25 -11.04 -1.86
N SER B 168 -7.27 -11.05 -1.88
CA SER B 168 -7.01 -12.00 -2.94
CA SER B 168 -6.99 -11.97 -2.99
C SER B 168 -8.26 -12.29 -3.72
C SER B 168 -8.26 -12.34 -3.74
N PHE B 169 -9.39 -12.49 -3.02
CA PHE B 169 -10.66 -12.75 -3.68
C PHE B 169 -11.00 -11.58 -4.59
N ALA B 170 -10.81 -10.35 -4.11
CA ALA B 170 -11.07 -9.17 -4.92
C ALA B 170 -10.19 -9.14 -6.17
N TYR B 171 -8.91 -9.46 -6.03
CA TYR B 171 -8.05 -9.56 -7.21
C TYR B 171 -8.58 -10.61 -8.17
N TYR B 172 -9.00 -11.75 -7.63
CA TYR B 172 -9.41 -12.86 -8.48
C TYR B 172 -10.59 -12.46 -9.38
N TYR B 173 -11.52 -11.65 -8.84
CA TYR B 173 -12.77 -11.37 -9.53
C TYR B 173 -12.89 -9.97 -10.12
N LEU B 174 -12.02 -9.02 -9.80
CA LEU B 174 -12.27 -7.65 -10.27
C LEU B 174 -12.18 -7.57 -11.79
N ASN B 175 -11.05 -7.96 -12.36
CA ASN B 175 -10.90 -7.96 -13.82
C ASN B 175 -9.80 -8.94 -14.18
N GLN B 176 -9.60 -9.12 -15.49
CA GLN B 176 -8.63 -10.12 -15.92
C GLN B 176 -7.20 -9.75 -15.53
N ASP B 177 -6.88 -8.46 -15.47
CA ASP B 177 -5.52 -8.08 -15.10
C ASP B 177 -5.23 -8.35 -13.63
N THR B 178 -6.17 -8.04 -12.75
CA THR B 178 -5.94 -8.36 -11.34
C THR B 178 -5.93 -9.86 -11.14
N ASN B 179 -6.74 -10.61 -11.90
CA ASN B 179 -6.75 -12.06 -11.80
C ASN B 179 -5.40 -12.62 -12.21
N SER B 180 -4.85 -12.12 -13.31
CA SER B 180 -3.52 -12.55 -13.76
C SER B 180 -2.43 -12.12 -12.78
N LYS B 181 -2.54 -10.92 -12.21
CA LYS B 181 -1.56 -10.49 -11.22
C LYS B 181 -1.55 -11.41 -10.01
N LEU B 182 -2.73 -11.80 -9.52
CA LEU B 182 -2.77 -12.73 -8.41
C LEU B 182 -2.09 -14.05 -8.77
N LYS B 183 -2.36 -14.57 -9.96
CA LYS B 183 -1.72 -15.81 -10.38
C LYS B 183 -0.20 -15.69 -10.35
N SER B 184 0.34 -14.55 -10.80
N SER B 184 0.33 -14.55 -10.81
CA SER B 184 1.79 -14.38 -10.85
CA SER B 184 1.78 -14.38 -10.87
C SER B 184 2.37 -14.18 -9.45
C SER B 184 2.37 -14.15 -9.48
N ALA B 185 1.73 -13.33 -8.65
CA ALA B 185 2.30 -12.98 -7.36
C ALA B 185 2.04 -14.03 -6.29
N CYS B 186 0.86 -14.66 -6.35
CA CYS B 186 0.37 -15.53 -5.28
C CYS B 186 -0.20 -16.79 -5.92
N PRO B 187 0.65 -17.61 -6.53
CA PRO B 187 0.12 -18.76 -7.30
C PRO B 187 -0.65 -19.76 -6.47
N GLN B 188 -0.25 -20.00 -5.23
CA GLN B 188 -0.96 -20.97 -4.41
C GLN B 188 -2.32 -20.44 -3.99
N THR B 189 -2.40 -19.14 -3.71
CA THR B 189 -3.67 -18.49 -3.38
C THR B 189 -4.60 -18.53 -4.57
N TYR B 190 -4.08 -18.19 -5.76
CA TYR B 190 -4.85 -18.27 -6.99
C TYR B 190 -5.42 -19.69 -7.17
N SER B 191 -4.57 -20.70 -7.01
CA SER B 191 -5.04 -22.07 -7.19
C SER B 191 -6.09 -22.45 -6.15
N PHE B 192 -5.91 -22.01 -4.91
CA PHE B 192 -6.92 -22.23 -3.88
C PHE B 192 -8.27 -21.65 -4.29
N LEU B 193 -8.28 -20.40 -4.77
CA LEU B 193 -9.54 -19.79 -5.19
C LEU B 193 -10.11 -20.50 -6.41
N GLN B 194 -9.25 -20.93 -7.33
CA GLN B 194 -9.72 -21.67 -8.49
C GLN B 194 -10.38 -22.97 -8.04
N ASN B 195 -9.77 -23.67 -7.10
CA ASN B 195 -10.35 -24.91 -6.59
C ASN B 195 -11.65 -24.66 -5.83
N LEU B 196 -11.75 -23.51 -5.15
CA LEU B 196 -12.97 -23.13 -4.44
C LEU B 196 -14.11 -22.89 -5.41
N ALA B 197 -13.80 -22.35 -6.60
CA ALA B 197 -14.79 -22.05 -7.62
C ALA B 197 -15.00 -23.16 -8.64
N LYS B 198 -14.16 -24.21 -8.65
CA LYS B 198 -14.33 -25.32 -9.60
C LYS B 198 -15.66 -25.99 -9.30
N GLU C 2 -19.38 -9.59 13.47
CA GLU C 2 -18.16 -9.76 12.67
C GLU C 2 -18.01 -8.60 11.70
N VAL C 3 -16.98 -7.80 11.93
CA VAL C 3 -16.72 -6.62 11.11
C VAL C 3 -15.26 -6.61 10.74
N ASN C 4 -14.97 -6.17 9.51
CA ASN C 4 -13.63 -6.05 9.01
C ASN C 4 -13.55 -4.85 8.09
N PRO C 5 -12.49 -4.05 8.19
CA PRO C 5 -12.15 -3.03 7.19
C PRO C 5 -11.41 -3.72 6.04
N GLU D 2 16.86 12.72 12.96
N GLU D 2 16.88 12.76 12.94
CA GLU D 2 15.61 12.31 12.36
CA GLU D 2 15.62 12.38 12.34
C GLU D 2 15.71 10.93 11.68
C GLU D 2 15.71 10.98 11.73
N VAL D 3 14.67 10.20 11.96
CA VAL D 3 14.53 8.85 11.48
C VAL D 3 13.12 8.69 10.93
N ASN D 4 13.01 7.90 9.86
CA ASN D 4 11.74 7.58 9.22
C ASN D 4 11.82 6.19 8.65
N PRO D 5 10.76 5.38 8.81
CA PRO D 5 10.59 4.12 8.05
C PRO D 5 10.01 4.46 6.67
#